data_3DNG
#
_entry.id   3DNG
#
_cell.length_a   42.344
_cell.length_b   69.384
_cell.length_c   52.707
_cell.angle_alpha   90.00
_cell.angle_beta   92.35
_cell.angle_gamma   90.00
#
_symmetry.space_group_name_H-M   'P 1 21 1'
#
loop_
_entity.id
_entity.type
_entity.pdbx_description
1 polymer 'Neutrophil collagenase'
2 non-polymer 'CALCIUM ION'
3 non-polymer 'ZINC ION'
4 non-polymer (5S)-5-(2-amino-2-oxoethyl)-4-oxo-N-[(3-oxo-3,4-dihydro-2H-1,4-benzoxazin-6-yl)methyl]-3,4,5,6,7,8-hexahydro[1]benzothieno[2,3-d]pyrimidine-2-carboxamide
5 water water
#
_entity_poly.entity_id   1
_entity_poly.type   'polypeptide(L)'
_entity_poly.pdbx_seq_one_letter_code
;MLTPGNPKWERTNLTYRIRNYTPQLSEAEVERAIKDAFELWSVASPLIFTRISQGEADINIAFYQRDHGDNSPFDGPNGI
LAHAFQPGQGIGGDAHFDAEETWTNTSANYNLFLVAAHEFGHSLGLAHSSDPGALMYPNYAFRETSNYSLPQDDIDGIQA
IYG
;
_entity_poly.pdbx_strand_id   A,B
#
# COMPACT_ATOMS: atom_id res chain seq x y z
N MET A 1 -11.35 21.03 -15.02
CA MET A 1 -10.24 20.65 -14.12
C MET A 1 -10.56 19.34 -13.40
N LEU A 2 -11.80 19.25 -12.92
CA LEU A 2 -12.27 18.06 -12.20
C LEU A 2 -13.21 17.29 -13.14
N THR A 3 -13.04 15.99 -13.22
CA THR A 3 -13.89 15.17 -14.07
C THR A 3 -15.34 15.55 -13.88
N PRO A 4 -16.04 15.83 -14.97
CA PRO A 4 -17.45 16.22 -14.95
C PRO A 4 -18.29 15.22 -14.15
N GLY A 5 -19.56 15.55 -13.93
CA GLY A 5 -20.42 14.65 -13.19
C GLY A 5 -20.17 14.69 -11.70
N ASN A 6 -18.94 15.00 -11.32
CA ASN A 6 -18.54 15.10 -9.92
C ASN A 6 -18.36 13.76 -9.16
N PRO A 7 -18.37 12.62 -9.87
CA PRO A 7 -18.21 11.37 -9.12
C PRO A 7 -16.78 11.25 -8.55
N LYS A 8 -16.68 10.88 -7.27
CA LYS A 8 -15.39 10.73 -6.58
C LYS A 8 -15.38 9.55 -5.63
N TRP A 9 -14.19 9.20 -5.13
CA TRP A 9 -14.06 8.10 -4.16
C TRP A 9 -14.51 8.65 -2.81
N GLU A 10 -15.02 7.77 -1.95
CA GLU A 10 -15.49 8.20 -0.64
C GLU A 10 -14.59 7.74 0.52
N ARG A 11 -13.47 7.12 0.17
CA ARG A 11 -12.49 6.66 1.16
C ARG A 11 -11.19 7.36 0.81
N THR A 12 -10.20 7.33 1.70
CA THR A 12 -8.93 7.97 1.41
C THR A 12 -7.83 6.95 1.17
N ASN A 13 -8.07 5.70 1.55
CA ASN A 13 -7.07 4.66 1.33
C ASN A 13 -7.61 3.74 0.24
N LEU A 14 -6.98 3.81 -0.92
CA LEU A 14 -7.40 3.04 -2.08
C LEU A 14 -6.36 2.01 -2.48
N THR A 15 -6.82 0.89 -3.03
CA THR A 15 -5.89 -0.15 -3.46
C THR A 15 -5.75 -0.19 -4.99
N TYR A 16 -4.60 -0.67 -5.46
CA TYR A 16 -4.38 -0.76 -6.89
C TYR A 16 -3.65 -2.04 -7.21
N ARG A 17 -3.82 -2.54 -8.43
CA ARG A 17 -3.15 -3.76 -8.84
C ARG A 17 -2.67 -3.77 -10.29
N ILE A 18 -1.39 -4.07 -10.48
CA ILE A 18 -0.80 -4.15 -11.81
C ILE A 18 -1.06 -5.57 -12.31
N ARG A 19 -2.04 -5.73 -13.20
CA ARG A 19 -2.41 -7.04 -13.71
C ARG A 19 -1.47 -7.71 -14.70
N ASN A 20 -0.75 -6.91 -15.50
CA ASN A 20 0.21 -7.48 -16.45
C ASN A 20 1.30 -6.44 -16.71
N TYR A 21 2.26 -6.77 -17.57
CA TYR A 21 3.36 -5.84 -17.81
C TYR A 21 3.67 -5.58 -19.28
N THR A 22 4.77 -4.85 -19.51
CA THR A 22 5.23 -4.53 -20.85
C THR A 22 6.67 -5.00 -20.99
N PRO A 23 6.97 -5.77 -22.05
CA PRO A 23 8.31 -6.31 -22.31
C PRO A 23 9.42 -5.27 -22.47
N GLN A 24 9.04 -4.01 -22.66
CA GLN A 24 10.02 -2.94 -22.86
C GLN A 24 10.73 -2.47 -21.59
N LEU A 25 10.16 -2.78 -20.44
CA LEU A 25 10.74 -2.40 -19.16
C LEU A 25 10.67 -3.59 -18.22
N SER A 26 11.53 -3.62 -17.21
CA SER A 26 11.52 -4.72 -16.25
C SER A 26 10.26 -4.57 -15.42
N GLU A 27 9.86 -5.63 -14.73
CA GLU A 27 8.65 -5.58 -13.90
C GLU A 27 8.84 -4.57 -12.77
N ALA A 28 10.08 -4.44 -12.30
CA ALA A 28 10.41 -3.51 -11.21
C ALA A 28 10.33 -2.05 -11.66
N GLU A 29 10.71 -1.79 -12.91
CA GLU A 29 10.64 -0.43 -13.44
C GLU A 29 9.17 -0.02 -13.62
N VAL A 30 8.34 -0.99 -14.00
CA VAL A 30 6.91 -0.73 -14.19
C VAL A 30 6.28 -0.39 -12.84
N GLU A 31 6.55 -1.24 -11.85
CA GLU A 31 6.01 -1.05 -10.51
C GLU A 31 6.50 0.28 -9.91
N ARG A 32 7.73 0.67 -10.20
CA ARG A 32 8.26 1.92 -9.66
C ARG A 32 7.60 3.13 -10.32
N ALA A 33 7.40 3.04 -11.63
CA ALA A 33 6.77 4.12 -12.38
C ALA A 33 5.35 4.36 -11.84
N ILE A 34 4.63 3.29 -11.53
CA ILE A 34 3.27 3.39 -11.01
C ILE A 34 3.27 4.01 -9.60
N LYS A 35 4.17 3.52 -8.75
CA LYS A 35 4.29 3.99 -7.37
C LYS A 35 4.63 5.48 -7.30
N ASP A 36 5.54 5.94 -8.15
CA ASP A 36 5.94 7.34 -8.18
C ASP A 36 4.82 8.23 -8.73
N ALA A 37 4.09 7.72 -9.72
CA ALA A 37 2.99 8.47 -10.31
C ALA A 37 1.89 8.67 -9.26
N PHE A 38 1.64 7.66 -8.44
CA PHE A 38 0.61 7.80 -7.40
C PHE A 38 1.08 8.75 -6.32
N GLU A 39 2.39 8.77 -6.08
CA GLU A 39 2.98 9.63 -5.05
C GLU A 39 2.79 11.11 -5.32
N LEU A 40 2.80 11.49 -6.59
CA LEU A 40 2.61 12.90 -6.97
C LEU A 40 1.29 13.42 -6.44
N TRP A 41 0.26 12.61 -6.57
CA TRP A 41 -1.07 12.99 -6.10
C TRP A 41 -1.21 12.83 -4.58
N SER A 42 -0.56 11.82 -4.02
CA SER A 42 -0.66 11.56 -2.59
C SER A 42 -0.09 12.67 -1.71
N VAL A 43 1.00 13.30 -2.16
CA VAL A 43 1.61 14.37 -1.37
C VAL A 43 0.82 15.67 -1.39
N ALA A 44 -0.20 15.74 -2.23
CA ALA A 44 -1.02 16.96 -2.33
C ALA A 44 -2.47 16.70 -1.93
N SER A 45 -2.71 15.61 -1.20
CA SER A 45 -4.07 15.26 -0.78
C SER A 45 -4.06 14.25 0.37
N PRO A 46 -5.25 13.86 0.86
CA PRO A 46 -5.28 12.87 1.95
C PRO A 46 -5.22 11.43 1.42
N LEU A 47 -5.25 11.28 0.10
CA LEU A 47 -5.25 9.95 -0.51
C LEU A 47 -3.98 9.13 -0.21
N ILE A 48 -4.19 7.85 0.12
CA ILE A 48 -3.12 6.90 0.42
C ILE A 48 -3.35 5.66 -0.47
N PHE A 49 -2.38 5.36 -1.32
CA PHE A 49 -2.45 4.25 -2.26
C PHE A 49 -1.65 3.01 -1.82
N THR A 50 -2.33 1.85 -1.79
CA THR A 50 -1.69 0.61 -1.38
C THR A 50 -1.79 -0.46 -2.47
N ARG A 51 -0.70 -1.15 -2.72
CA ARG A 51 -0.67 -2.19 -3.75
C ARG A 51 -1.00 -3.60 -3.26
N ILE A 52 -1.69 -4.35 -4.10
CA ILE A 52 -2.03 -5.74 -3.83
C ILE A 52 -1.75 -6.46 -5.15
N SER A 53 -1.42 -7.75 -5.08
CA SER A 53 -1.12 -8.51 -6.29
C SER A 53 -2.16 -9.59 -6.56
N GLN A 54 -3.21 -9.60 -5.75
CA GLN A 54 -4.29 -10.56 -5.89
C GLN A 54 -5.53 -9.98 -5.22
N GLY A 55 -6.69 -10.35 -5.72
CA GLY A 55 -7.93 -9.84 -5.17
C GLY A 55 -8.37 -8.64 -5.99
N GLU A 56 -9.57 -8.14 -5.72
CA GLU A 56 -10.08 -6.99 -6.47
C GLU A 56 -9.63 -5.65 -5.91
N ALA A 57 -8.70 -5.01 -6.61
CA ALA A 57 -8.20 -3.70 -6.19
C ALA A 57 -9.21 -2.65 -6.64
N ASP A 58 -9.09 -1.45 -6.10
CA ASP A 58 -9.98 -0.37 -6.49
C ASP A 58 -9.54 0.12 -7.87
N ILE A 59 -8.23 0.18 -8.09
CA ILE A 59 -7.71 0.66 -9.35
C ILE A 59 -6.90 -0.41 -10.09
N ASN A 60 -7.46 -0.93 -11.18
CA ASN A 60 -6.75 -1.94 -11.96
C ASN A 60 -5.93 -1.28 -13.07
N ILE A 61 -4.69 -1.70 -13.21
CA ILE A 61 -3.81 -1.15 -14.22
C ILE A 61 -3.42 -2.28 -15.17
N ALA A 62 -3.47 -2.03 -16.47
CA ALA A 62 -3.13 -3.09 -17.42
C ALA A 62 -2.73 -2.57 -18.80
N PHE A 63 -1.92 -3.38 -19.50
CA PHE A 63 -1.45 -3.06 -20.86
C PHE A 63 -2.21 -3.91 -21.87
N TYR A 64 -2.99 -3.26 -22.74
CA TYR A 64 -3.78 -3.96 -23.75
C TYR A 64 -3.57 -3.40 -25.16
N GLN A 65 -3.94 -4.19 -26.17
CA GLN A 65 -3.83 -3.80 -27.58
C GLN A 65 -5.19 -3.78 -28.28
N ARG A 66 -5.39 -2.79 -29.15
CA ARG A 66 -6.64 -2.64 -29.89
C ARG A 66 -7.86 -2.94 -29.02
N ASP A 67 -8.77 -3.80 -29.50
CA ASP A 67 -9.97 -4.13 -28.70
C ASP A 67 -9.59 -4.93 -27.47
N HIS A 68 -10.11 -4.51 -26.31
CA HIS A 68 -9.80 -5.22 -25.06
C HIS A 68 -10.96 -5.31 -24.06
N GLY A 69 -12.18 -5.46 -24.55
CA GLY A 69 -13.33 -5.65 -23.68
C GLY A 69 -14.14 -4.50 -23.12
N ASP A 70 -13.72 -3.25 -23.30
CA ASP A 70 -14.49 -2.14 -22.76
C ASP A 70 -15.06 -1.19 -23.81
N ASN A 71 -15.18 -1.66 -25.04
CA ASN A 71 -15.72 -0.86 -26.13
C ASN A 71 -14.93 0.40 -26.51
N SER A 72 -13.72 0.55 -25.96
CA SER A 72 -12.85 1.69 -26.28
C SER A 72 -11.50 1.10 -26.68
N PRO A 73 -11.36 0.72 -27.95
CA PRO A 73 -10.14 0.13 -28.52
C PRO A 73 -9.00 1.12 -28.72
N PHE A 74 -7.78 0.64 -28.55
CA PHE A 74 -6.63 1.49 -28.77
C PHE A 74 -6.39 1.49 -30.27
N ASP A 75 -5.46 2.31 -30.74
CA ASP A 75 -5.23 2.47 -32.18
C ASP A 75 -3.85 2.18 -32.75
N GLY A 76 -3.07 1.30 -32.13
CA GLY A 76 -1.74 1.01 -32.66
C GLY A 76 -0.75 2.10 -32.31
N PRO A 77 0.48 2.10 -32.87
CA PRO A 77 1.50 3.13 -32.57
C PRO A 77 1.06 4.60 -32.58
N ASN A 78 1.50 5.34 -31.56
CA ASN A 78 1.19 6.78 -31.43
C ASN A 78 -0.31 7.05 -31.25
N GLY A 79 -0.76 8.28 -31.44
CA GLY A 79 -2.19 8.54 -31.25
C GLY A 79 -2.62 8.41 -29.79
N ILE A 80 -3.65 7.61 -29.51
CA ILE A 80 -4.13 7.41 -28.13
C ILE A 80 -3.05 6.66 -27.35
N LEU A 81 -2.60 7.17 -26.21
CA LEU A 81 -1.56 6.48 -25.45
C LEU A 81 -2.11 5.58 -24.34
N ALA A 82 -3.27 5.95 -23.83
CA ALA A 82 -3.89 5.20 -22.73
C ALA A 82 -5.18 5.93 -22.37
N HIS A 83 -5.99 5.33 -21.51
CA HIS A 83 -7.22 5.97 -21.02
C HIS A 83 -7.59 5.41 -19.65
N ALA A 84 -8.48 6.11 -18.94
CA ALA A 84 -8.87 5.68 -17.60
C ALA A 84 -10.32 6.00 -17.30
N PHE A 85 -10.88 5.29 -16.33
CA PHE A 85 -12.27 5.49 -15.96
C PHE A 85 -12.44 6.27 -14.65
N GLN A 86 -13.48 7.08 -14.60
CA GLN A 86 -13.80 7.88 -13.44
C GLN A 86 -14.12 6.97 -12.25
N PRO A 87 -14.02 7.51 -11.01
CA PRO A 87 -14.29 6.76 -9.79
C PRO A 87 -15.61 6.00 -9.85
N GLY A 88 -15.64 4.81 -9.25
CA GLY A 88 -16.85 4.00 -9.24
C GLY A 88 -16.49 2.55 -9.02
N GLN A 89 -17.47 1.66 -8.96
CA GLN A 89 -17.16 0.25 -8.76
C GLN A 89 -16.90 -0.41 -10.11
N GLY A 90 -16.54 -1.69 -10.07
CA GLY A 90 -16.28 -2.40 -11.32
C GLY A 90 -15.12 -1.79 -12.08
N ILE A 91 -15.33 -1.46 -13.34
CA ILE A 91 -14.26 -0.90 -14.16
C ILE A 91 -13.95 0.57 -13.81
N GLY A 92 -14.76 1.16 -12.94
CA GLY A 92 -14.53 2.54 -12.55
C GLY A 92 -13.17 2.70 -11.90
N GLY A 93 -12.44 3.75 -12.27
CA GLY A 93 -11.13 3.96 -11.69
C GLY A 93 -9.99 3.22 -12.38
N ASP A 94 -10.31 2.20 -13.16
CA ASP A 94 -9.29 1.41 -13.84
C ASP A 94 -8.54 2.21 -14.93
N ALA A 95 -7.30 1.84 -15.19
CA ALA A 95 -6.49 2.55 -16.19
C ALA A 95 -5.81 1.58 -17.15
N HIS A 96 -5.94 1.84 -18.45
CA HIS A 96 -5.34 0.97 -19.45
C HIS A 96 -4.34 1.72 -20.31
N PHE A 97 -3.25 1.05 -20.63
CA PHE A 97 -2.19 1.64 -21.44
C PHE A 97 -2.07 0.83 -22.72
N ASP A 98 -1.87 1.54 -23.84
CA ASP A 98 -1.75 0.88 -25.13
C ASP A 98 -0.46 0.08 -25.18
N ALA A 99 -0.60 -1.24 -25.30
CA ALA A 99 0.53 -2.15 -25.36
C ALA A 99 1.39 -2.04 -26.61
N GLU A 100 0.91 -1.37 -27.65
CA GLU A 100 1.68 -1.24 -28.89
C GLU A 100 2.64 -0.06 -28.87
N GLU A 101 2.60 0.72 -27.81
CA GLU A 101 3.46 1.90 -27.69
C GLU A 101 4.85 1.56 -27.15
N THR A 102 5.80 2.45 -27.39
CA THR A 102 7.14 2.27 -26.86
C THR A 102 7.04 2.91 -25.47
N TRP A 103 7.34 2.14 -24.43
CA TRP A 103 7.29 2.66 -23.07
C TRP A 103 8.70 2.78 -22.52
N THR A 104 9.01 3.92 -21.93
CA THR A 104 10.34 4.17 -21.41
C THR A 104 10.31 4.78 -20.02
N ASN A 105 11.50 4.99 -19.47
CA ASN A 105 11.63 5.64 -18.18
C ASN A 105 12.58 6.81 -18.43
N THR A 106 12.67 7.22 -19.69
CA THR A 106 13.53 8.32 -20.14
C THR A 106 12.68 9.44 -20.77
N SER A 107 13.33 10.40 -21.41
CA SER A 107 12.62 11.49 -22.06
C SER A 107 12.11 11.07 -23.42
N ALA A 108 12.49 9.87 -23.85
CA ALA A 108 12.05 9.34 -25.14
C ALA A 108 10.59 8.93 -25.05
N ASN A 109 9.88 9.06 -26.18
CA ASN A 109 8.47 8.69 -26.27
C ASN A 109 8.30 7.20 -26.06
N TYR A 110 7.48 6.77 -25.11
CA TYR A 110 6.70 7.64 -24.22
C TYR A 110 7.02 7.22 -22.78
N ASN A 111 7.22 8.19 -21.91
CA ASN A 111 7.54 7.91 -20.52
C ASN A 111 6.32 7.38 -19.76
N LEU A 112 6.42 6.14 -19.27
CA LEU A 112 5.33 5.49 -18.53
C LEU A 112 4.86 6.29 -17.30
N PHE A 113 5.81 6.76 -16.50
CA PHE A 113 5.52 7.55 -15.29
C PHE A 113 4.62 8.76 -15.60
N LEU A 114 4.98 9.51 -16.63
CA LEU A 114 4.22 10.68 -17.01
C LEU A 114 2.80 10.36 -17.48
N VAL A 115 2.67 9.38 -18.37
CA VAL A 115 1.35 9.00 -18.86
C VAL A 115 0.49 8.46 -17.71
N ALA A 116 1.09 7.65 -16.85
CA ALA A 116 0.38 7.06 -15.72
C ALA A 116 -0.13 8.14 -14.77
N ALA A 117 0.72 9.11 -14.48
CA ALA A 117 0.36 10.20 -13.58
C ALA A 117 -0.89 10.89 -14.13
N HIS A 118 -0.87 11.18 -15.43
CA HIS A 118 -2.01 11.80 -16.10
C HIS A 118 -3.26 10.95 -16.04
N GLU A 119 -3.12 9.65 -16.32
CA GLU A 119 -4.26 8.74 -16.30
C GLU A 119 -4.86 8.59 -14.90
N PHE A 120 -4.02 8.58 -13.88
CA PHE A 120 -4.50 8.44 -12.52
C PHE A 120 -5.35 9.63 -12.09
N GLY A 121 -5.06 10.81 -12.65
CA GLY A 121 -5.84 12.00 -12.35
C GLY A 121 -7.30 11.74 -12.74
N HIS A 122 -7.49 11.08 -13.88
CA HIS A 122 -8.84 10.73 -14.37
C HIS A 122 -9.44 9.67 -13.43
N SER A 123 -8.61 8.73 -13.00
CA SER A 123 -9.05 7.66 -12.10
C SER A 123 -9.55 8.24 -10.79
N LEU A 124 -9.01 9.41 -10.44
CA LEU A 124 -9.36 10.09 -9.19
C LEU A 124 -10.54 11.06 -9.34
N GLY A 125 -10.88 11.39 -10.59
CA GLY A 125 -12.01 12.26 -10.80
C GLY A 125 -11.73 13.61 -11.43
N LEU A 126 -10.51 13.83 -11.91
CA LEU A 126 -10.19 15.10 -12.55
C LEU A 126 -10.47 15.05 -14.04
N ALA A 127 -10.82 16.20 -14.60
CA ALA A 127 -11.10 16.31 -16.03
C ALA A 127 -9.89 16.98 -16.66
N HIS A 128 -9.94 17.22 -17.97
CA HIS A 128 -8.83 17.87 -18.63
C HIS A 128 -8.76 19.34 -18.24
N SER A 129 -7.56 19.90 -18.29
CA SER A 129 -7.32 21.29 -17.95
C SER A 129 -6.90 22.08 -19.19
N SER A 130 -7.19 23.38 -19.18
CA SER A 130 -6.85 24.26 -20.28
C SER A 130 -5.44 24.82 -20.13
N ASP A 131 -4.88 24.70 -18.93
CA ASP A 131 -3.54 25.20 -18.64
C ASP A 131 -2.49 24.36 -19.37
N PRO A 132 -1.82 24.95 -20.38
CA PRO A 132 -0.79 24.23 -21.15
C PRO A 132 0.35 23.66 -20.33
N GLY A 133 0.53 24.15 -19.10
CA GLY A 133 1.61 23.64 -18.27
C GLY A 133 1.14 22.65 -17.22
N ALA A 134 -0.12 22.24 -17.31
CA ALA A 134 -0.70 21.30 -16.36
C ALA A 134 -0.55 19.85 -16.77
N LEU A 135 -0.43 18.98 -15.77
CA LEU A 135 -0.32 17.55 -16.02
C LEU A 135 -1.57 17.08 -16.77
N MET A 136 -2.72 17.64 -16.39
CA MET A 136 -3.99 17.27 -17.01
C MET A 136 -4.33 17.95 -18.34
N TYR A 137 -3.33 18.60 -18.95
CA TYR A 137 -3.56 19.22 -20.25
C TYR A 137 -3.83 18.01 -21.17
N PRO A 138 -4.66 18.20 -22.21
CA PRO A 138 -5.01 17.14 -23.16
C PRO A 138 -3.90 16.43 -23.93
N ASN A 139 -2.87 17.18 -24.36
CA ASN A 139 -1.79 16.61 -25.15
C ASN A 139 -0.44 16.39 -24.46
N TYR A 140 0.12 15.20 -24.66
CA TYR A 140 1.40 14.80 -24.08
C TYR A 140 2.55 15.63 -24.63
N ALA A 141 3.41 16.11 -23.73
CA ALA A 141 4.59 16.90 -24.09
C ALA A 141 5.62 16.82 -22.96
N PHE A 142 6.55 15.87 -23.06
CA PHE A 142 7.57 15.70 -22.03
C PHE A 142 8.38 16.98 -21.79
N ARG A 143 8.47 17.39 -20.53
CA ARG A 143 9.20 18.59 -20.16
C ARG A 143 10.41 18.28 -19.29
N GLU A 144 11.59 18.51 -19.84
CA GLU A 144 12.84 18.30 -19.13
C GLU A 144 12.90 19.23 -17.91
N THR A 145 13.01 18.64 -16.73
CA THR A 145 13.07 19.43 -15.50
C THR A 145 13.69 18.67 -14.33
N SER A 146 13.98 19.41 -13.27
CA SER A 146 14.59 18.83 -12.07
C SER A 146 13.57 18.75 -10.94
N ASN A 147 12.50 19.55 -11.03
CA ASN A 147 11.48 19.54 -9.99
C ASN A 147 10.35 18.56 -10.35
N TYR A 148 10.38 17.40 -9.71
CA TYR A 148 9.38 16.38 -9.97
C TYR A 148 8.22 16.43 -8.99
N SER A 149 7.45 17.51 -9.11
CA SER A 149 6.29 17.74 -8.27
C SER A 149 5.14 18.19 -9.16
N LEU A 150 3.92 17.96 -8.69
CA LEU A 150 2.69 18.30 -9.40
C LEU A 150 2.61 19.80 -9.70
N PRO A 151 2.18 20.17 -10.92
CA PRO A 151 2.07 21.60 -11.24
C PRO A 151 0.94 22.16 -10.39
N GLN A 152 1.07 23.42 -9.99
CA GLN A 152 0.07 24.06 -9.13
C GLN A 152 -1.38 23.90 -9.58
N ASP A 153 -1.63 23.89 -10.89
CA ASP A 153 -3.00 23.74 -11.37
C ASP A 153 -3.61 22.37 -11.02
N ASP A 154 -2.77 21.35 -10.99
CA ASP A 154 -3.24 20.00 -10.66
C ASP A 154 -3.46 19.85 -9.15
N ILE A 155 -2.71 20.62 -8.38
CA ILE A 155 -2.82 20.63 -6.93
C ILE A 155 -4.18 21.22 -6.57
N ASP A 156 -4.54 22.31 -7.25
CA ASP A 156 -5.81 22.97 -7.03
C ASP A 156 -6.92 21.99 -7.39
N GLY A 157 -6.75 21.30 -8.52
CA GLY A 157 -7.74 20.34 -8.97
C GLY A 157 -8.04 19.25 -7.95
N ILE A 158 -7.00 18.57 -7.46
CA ILE A 158 -7.20 17.49 -6.50
C ILE A 158 -7.75 17.99 -5.14
N GLN A 159 -7.23 19.11 -4.65
CA GLN A 159 -7.67 19.70 -3.38
C GLN A 159 -9.16 20.07 -3.45
N ALA A 160 -9.59 20.49 -4.64
CA ALA A 160 -10.97 20.91 -4.84
C ALA A 160 -11.93 19.74 -4.63
N ILE A 161 -11.44 18.52 -4.90
CA ILE A 161 -12.26 17.32 -4.75
C ILE A 161 -12.12 16.64 -3.40
N TYR A 162 -10.89 16.40 -2.98
CA TYR A 162 -10.62 15.68 -1.72
C TYR A 162 -10.10 16.52 -0.57
N GLY A 163 -9.87 17.81 -0.80
CA GLY A 163 -9.36 18.64 0.28
C GLY A 163 -7.91 18.28 0.52
N MET B 1 -7.10 6.25 16.05
CA MET B 1 -5.89 5.38 16.12
C MET B 1 -6.21 3.98 16.61
N LEU B 2 -7.26 3.86 17.41
CA LEU B 2 -7.69 2.57 17.96
C LEU B 2 -8.40 1.72 16.92
N THR B 3 -8.06 0.43 16.87
CA THR B 3 -8.69 -0.49 15.93
C THR B 3 -10.18 -0.33 16.00
N PRO B 4 -10.82 -0.18 14.84
CA PRO B 4 -12.26 -0.02 14.74
C PRO B 4 -13.00 -1.00 15.65
N GLY B 5 -14.22 -0.63 16.05
CA GLY B 5 -15.00 -1.51 16.91
C GLY B 5 -14.63 -1.42 18.37
N ASN B 6 -13.52 -0.74 18.65
CA ASN B 6 -13.04 -0.57 20.02
C ASN B 6 -12.82 -1.89 20.78
N PRO B 7 -12.21 -2.89 20.13
CA PRO B 7 -11.97 -4.17 20.80
C PRO B 7 -10.66 -4.13 21.57
N LYS B 8 -10.62 -4.71 22.77
CA LYS B 8 -9.40 -4.72 23.57
C LYS B 8 -9.29 -5.99 24.41
N TRP B 9 -8.06 -6.33 24.79
CA TRP B 9 -7.82 -7.51 25.61
C TRP B 9 -8.20 -7.20 27.05
N GLU B 10 -8.66 -8.21 27.78
CA GLU B 10 -9.08 -8.01 29.17
C GLU B 10 -8.03 -8.42 30.18
N ARG B 11 -6.87 -8.88 29.68
CA ARG B 11 -5.76 -9.28 30.53
C ARG B 11 -4.52 -8.51 30.08
N THR B 12 -3.66 -8.16 31.01
CA THR B 12 -2.45 -7.41 30.66
C THR B 12 -1.30 -8.33 30.27
N ASN B 13 -1.33 -9.58 30.74
CA ASN B 13 -0.29 -10.56 30.42
C ASN B 13 -0.84 -11.49 29.34
N LEU B 14 -0.27 -11.41 28.15
CA LEU B 14 -0.73 -12.25 27.03
C LEU B 14 0.38 -13.17 26.59
N THR B 15 0.00 -14.36 26.10
CA THR B 15 0.97 -15.33 25.62
C THR B 15 0.97 -15.35 24.09
N TYR B 16 2.10 -15.77 23.52
CA TYR B 16 2.20 -15.87 22.07
C TYR B 16 2.98 -17.11 21.66
N ARG B 17 2.76 -17.56 20.41
CA ARG B 17 3.46 -18.73 19.90
C ARG B 17 3.80 -18.58 18.42
N ILE B 18 5.02 -18.97 18.07
CA ILE B 18 5.50 -18.92 16.69
C ILE B 18 5.30 -20.33 16.15
N ARG B 19 4.23 -20.52 15.37
CA ARG B 19 3.87 -21.82 14.83
C ARG B 19 4.80 -22.40 13.77
N ASN B 20 5.43 -21.54 12.97
CA ASN B 20 6.36 -22.03 11.95
C ASN B 20 7.38 -20.94 11.61
N TYR B 21 8.28 -21.21 10.67
CA TYR B 21 9.29 -20.22 10.34
C TYR B 21 9.46 -19.94 8.86
N THR B 22 10.46 -19.12 8.55
CA THR B 22 10.77 -18.76 7.16
C THR B 22 12.22 -19.15 6.88
N PRO B 23 12.44 -19.83 5.74
CA PRO B 23 13.77 -20.29 5.31
C PRO B 23 14.77 -19.17 5.01
N GLN B 24 14.28 -17.94 4.95
CA GLN B 24 15.16 -16.81 4.66
C GLN B 24 16.01 -16.36 5.84
N LEU B 25 15.46 -16.47 7.04
CA LEU B 25 16.17 -16.07 8.24
C LEU B 25 16.37 -17.31 9.10
N SER B 26 17.22 -17.22 10.12
CA SER B 26 17.44 -18.35 11.00
C SER B 26 16.31 -18.36 12.02
N GLU B 27 16.18 -19.43 12.78
CA GLU B 27 15.12 -19.52 13.78
C GLU B 27 15.33 -18.47 14.87
N ALA B 28 16.59 -18.25 15.25
CA ALA B 28 16.89 -17.27 16.28
C ALA B 28 16.54 -15.86 15.81
N GLU B 29 16.74 -15.60 14.52
CA GLU B 29 16.44 -14.29 13.93
C GLU B 29 14.93 -14.00 13.96
N VAL B 30 14.12 -14.99 13.65
CA VAL B 30 12.68 -14.79 13.69
C VAL B 30 12.27 -14.51 15.13
N GLU B 31 12.79 -15.32 16.05
CA GLU B 31 12.46 -15.17 17.47
C GLU B 31 12.88 -13.82 18.05
N ARG B 32 14.04 -13.33 17.62
CA ARG B 32 14.54 -12.06 18.13
C ARG B 32 13.75 -10.88 17.57
N ALA B 33 13.29 -11.01 16.32
CA ALA B 33 12.51 -9.95 15.69
C ALA B 33 11.14 -9.84 16.36
N ILE B 34 10.55 -10.99 16.72
CA ILE B 34 9.24 -11.01 17.37
C ILE B 34 9.31 -10.49 18.81
N LYS B 35 10.31 -10.95 19.55
CA LYS B 35 10.51 -10.53 20.93
C LYS B 35 10.69 -9.01 20.99
N ASP B 36 11.54 -8.48 20.11
CA ASP B 36 11.77 -7.04 20.08
C ASP B 36 10.57 -6.21 19.61
N ALA B 37 9.76 -6.77 18.71
CA ALA B 37 8.59 -6.05 18.22
C ALA B 37 7.58 -5.95 19.37
N PHE B 38 7.47 -7.01 20.17
CA PHE B 38 6.55 -7.00 21.30
C PHE B 38 7.04 -6.06 22.39
N GLU B 39 8.36 -5.97 22.55
CA GLU B 39 8.93 -5.11 23.58
C GLU B 39 8.69 -3.62 23.29
N LEU B 40 8.60 -3.27 22.01
CA LEU B 40 8.34 -1.89 21.62
C LEU B 40 7.03 -1.41 22.24
N TRP B 41 6.03 -2.29 22.25
CA TRP B 41 4.72 -1.95 22.82
C TRP B 41 4.66 -2.11 24.34
N SER B 42 5.36 -3.12 24.87
CA SER B 42 5.34 -3.36 26.30
C SER B 42 5.93 -2.21 27.13
N VAL B 43 6.96 -1.55 26.63
CA VAL B 43 7.57 -0.44 27.36
C VAL B 43 6.72 0.83 27.41
N ALA B 44 5.60 0.83 26.69
CA ALA B 44 4.72 2.00 26.66
C ALA B 44 3.31 1.69 27.13
N SER B 45 3.13 0.54 27.78
CA SER B 45 1.82 0.11 28.26
C SER B 45 2.00 -0.89 29.40
N PRO B 46 0.89 -1.41 29.96
CA PRO B 46 0.96 -2.37 31.06
C PRO B 46 1.06 -3.80 30.53
N LEU B 47 1.06 -3.94 29.21
CA LEU B 47 1.12 -5.24 28.57
C LEU B 47 2.41 -6.01 28.78
N ILE B 48 2.26 -7.30 29.08
CA ILE B 48 3.39 -8.21 29.31
C ILE B 48 3.21 -9.43 28.40
N PHE B 49 4.19 -9.66 27.54
CA PHE B 49 4.12 -10.77 26.60
C PHE B 49 4.94 -11.97 27.03
N THR B 50 4.33 -13.14 26.97
CA THR B 50 4.97 -14.39 27.38
C THR B 50 4.94 -15.44 26.26
N ARG B 51 6.12 -15.98 25.94
CA ARG B 51 6.23 -16.97 24.87
C ARG B 51 6.03 -18.41 25.33
N ILE B 52 5.32 -19.19 24.51
CA ILE B 52 5.12 -20.61 24.80
C ILE B 52 5.60 -21.36 23.55
N SER B 53 6.05 -22.59 23.73
CA SER B 53 6.59 -23.37 22.61
C SER B 53 5.55 -24.22 21.87
N GLN B 54 4.48 -24.58 22.56
CA GLN B 54 3.42 -25.39 21.98
C GLN B 54 2.15 -25.00 22.72
N GLY B 55 1.04 -25.68 22.43
CA GLY B 55 -0.21 -25.37 23.12
C GLY B 55 -0.85 -24.08 22.63
N GLU B 56 -2.03 -23.79 23.15
CA GLU B 56 -2.76 -22.58 22.75
C GLU B 56 -2.18 -21.32 23.39
N ALA B 57 -2.09 -20.26 22.59
CA ALA B 57 -1.56 -18.98 23.04
C ALA B 57 -2.56 -17.90 22.62
N ASP B 58 -2.48 -16.73 23.24
CA ASP B 58 -3.39 -15.65 22.87
C ASP B 58 -3.04 -15.16 21.46
N ILE B 59 -1.75 -14.99 21.18
CA ILE B 59 -1.35 -14.50 19.86
C ILE B 59 -0.55 -15.55 19.07
N ASN B 60 -1.16 -16.10 18.04
CA ASN B 60 -0.50 -17.08 17.17
C ASN B 60 0.18 -16.35 16.01
N ILE B 61 1.44 -16.70 15.74
CA ILE B 61 2.19 -16.08 14.66
C ILE B 61 2.59 -17.16 13.67
N ALA B 62 2.40 -16.91 12.37
CA ALA B 62 2.74 -17.90 11.36
C ALA B 62 3.00 -17.32 9.97
N PHE B 63 3.76 -18.06 9.16
CA PHE B 63 4.07 -17.66 7.78
C PHE B 63 3.24 -18.54 6.84
N TYR B 64 2.41 -17.91 6.02
CA TYR B 64 1.57 -18.64 5.07
C TYR B 64 1.67 -18.09 3.65
N GLN B 65 1.19 -18.89 2.70
CA GLN B 65 1.19 -18.56 1.28
C GLN B 65 -0.25 -18.54 0.70
N ARG B 66 -0.53 -17.57 -0.17
CA ARG B 66 -1.85 -17.40 -0.80
C ARG B 66 -3.03 -17.71 0.15
N ASP B 67 -3.93 -18.59 -0.30
CA ASP B 67 -5.09 -18.96 0.53
C ASP B 67 -4.61 -19.78 1.71
N HIS B 68 -4.98 -19.37 2.92
CA HIS B 68 -4.58 -20.10 4.11
C HIS B 68 -5.67 -20.24 5.18
N GLY B 69 -6.92 -20.37 4.74
CA GLY B 69 -8.00 -20.60 5.69
C GLY B 69 -8.82 -19.50 6.33
N ASP B 70 -8.54 -18.23 6.02
CA ASP B 70 -9.32 -17.15 6.64
C ASP B 70 -9.93 -16.20 5.62
N ASN B 71 -10.14 -16.68 4.41
CA ASN B 71 -10.74 -15.89 3.34
C ASN B 71 -10.01 -14.58 3.06
N SER B 72 -8.73 -14.52 3.43
CA SER B 72 -7.93 -13.33 3.22
C SER B 72 -6.55 -13.77 2.74
N PRO B 73 -6.45 -14.21 1.48
CA PRO B 73 -5.22 -14.70 0.84
C PRO B 73 -4.09 -13.71 0.64
N PHE B 74 -2.88 -14.26 0.59
CA PHE B 74 -1.70 -13.46 0.35
C PHE B 74 -1.53 -13.43 -1.17
N ASP B 75 -0.52 -12.72 -1.66
CA ASP B 75 -0.40 -12.56 -3.11
C ASP B 75 0.97 -12.67 -3.77
N GLY B 76 1.87 -13.49 -3.24
CA GLY B 76 3.18 -13.62 -3.87
C GLY B 76 4.10 -12.45 -3.52
N PRO B 77 5.22 -12.24 -4.22
CA PRO B 77 6.13 -11.13 -3.89
C PRO B 77 5.52 -9.72 -3.85
N ASN B 78 5.95 -8.92 -2.87
CA ASN B 78 5.49 -7.54 -2.68
C ASN B 78 4.01 -7.40 -2.38
N GLY B 79 3.40 -6.24 -2.63
CA GLY B 79 1.98 -6.09 -2.34
C GLY B 79 1.66 -6.27 -0.87
N ILE B 80 0.73 -7.17 -0.54
CA ILE B 80 0.36 -7.42 0.86
C ILE B 80 1.53 -8.09 1.58
N LEU B 81 1.94 -7.57 2.71
CA LEU B 81 3.09 -8.17 3.41
C LEU B 81 2.66 -9.09 4.55
N ALA B 82 1.53 -8.77 5.17
CA ALA B 82 1.04 -9.56 6.28
C ALA B 82 -0.24 -8.91 6.75
N HIS B 83 -0.86 -9.50 7.78
CA HIS B 83 -2.07 -8.95 8.37
C HIS B 83 -2.36 -9.57 9.74
N ALA B 84 -3.16 -8.88 10.53
CA ALA B 84 -3.48 -9.38 11.87
C ALA B 84 -4.93 -9.12 12.21
N PHE B 85 -5.45 -9.85 13.20
CA PHE B 85 -6.84 -9.69 13.61
C PHE B 85 -6.89 -8.94 14.95
N GLN B 86 -7.95 -8.18 15.15
CA GLN B 86 -8.08 -7.41 16.39
C GLN B 86 -8.31 -8.32 17.59
N PRO B 87 -8.11 -7.80 18.81
CA PRO B 87 -8.28 -8.57 20.06
C PRO B 87 -9.56 -9.41 20.08
N GLY B 88 -9.45 -10.61 20.63
CA GLY B 88 -10.60 -11.49 20.70
C GLY B 88 -10.20 -12.93 20.88
N GLN B 89 -11.18 -13.82 20.99
CA GLN B 89 -10.91 -15.24 21.16
C GLN B 89 -10.70 -15.92 19.81
N GLY B 90 -10.15 -17.12 19.82
CA GLY B 90 -9.92 -17.83 18.57
C GLY B 90 -8.87 -17.17 17.70
N ILE B 91 -9.23 -16.84 16.46
CA ILE B 91 -8.29 -16.22 15.55
C ILE B 91 -8.00 -14.77 15.94
N GLY B 92 -8.80 -14.22 16.85
CA GLY B 92 -8.58 -12.85 17.27
C GLY B 92 -7.15 -12.65 17.75
N GLY B 93 -6.51 -11.56 17.34
CA GLY B 93 -5.15 -11.30 17.77
C GLY B 93 -4.04 -11.98 16.99
N ASP B 94 -4.39 -13.00 16.20
CA ASP B 94 -3.38 -13.71 15.43
C ASP B 94 -2.78 -12.86 14.31
N ALA B 95 -1.51 -13.09 14.00
CA ALA B 95 -0.80 -12.34 12.97
C ALA B 95 -0.18 -13.29 11.95
N HIS B 96 -0.46 -13.06 10.68
CA HIS B 96 0.08 -13.89 9.61
C HIS B 96 0.98 -13.08 8.69
N PHE B 97 2.06 -13.68 8.23
CA PHE B 97 3.04 -13.03 7.36
C PHE B 97 3.12 -13.78 6.02
N ASP B 98 3.23 -13.05 4.92
CA ASP B 98 3.31 -13.68 3.59
C ASP B 98 4.63 -14.43 3.42
N ALA B 99 4.54 -15.76 3.36
CA ALA B 99 5.71 -16.62 3.22
C ALA B 99 6.49 -16.47 1.92
N GLU B 100 5.94 -15.78 0.92
CA GLU B 100 6.68 -15.62 -0.34
C GLU B 100 7.54 -14.36 -0.40
N GLU B 101 7.54 -13.59 0.68
CA GLU B 101 8.32 -12.35 0.74
C GLU B 101 9.76 -12.61 1.15
N THR B 102 10.63 -11.65 0.82
CA THR B 102 12.04 -11.71 1.21
C THR B 102 12.04 -11.05 2.59
N TRP B 103 12.32 -11.81 3.63
CA TRP B 103 12.35 -11.28 5.00
C TRP B 103 13.78 -11.02 5.46
N THR B 104 14.03 -9.84 6.00
CA THR B 104 15.38 -9.50 6.43
C THR B 104 15.43 -8.89 7.84
N ASN B 105 16.64 -8.53 8.24
CA ASN B 105 16.87 -7.90 9.52
C ASN B 105 17.80 -6.71 9.25
N THR B 106 17.73 -6.23 8.01
CA THR B 106 18.53 -5.09 7.57
C THR B 106 17.57 -4.03 7.04
N SER B 107 18.12 -3.02 6.38
CA SER B 107 17.30 -1.95 5.81
C SER B 107 16.66 -2.34 4.48
N ALA B 108 16.97 -3.55 3.99
CA ALA B 108 16.41 -4.03 2.72
C ALA B 108 15.01 -4.64 2.87
N ASN B 109 14.19 -4.50 1.84
CA ASN B 109 12.83 -5.05 1.83
C ASN B 109 12.85 -6.57 1.99
N TYR B 110 12.16 -7.12 3.00
CA TYR B 110 11.36 -6.37 3.97
C TYR B 110 11.80 -6.79 5.37
N ASN B 111 12.02 -5.81 6.24
CA ASN B 111 12.46 -6.05 7.61
C ASN B 111 11.34 -6.65 8.46
N LEU B 112 11.58 -7.86 8.97
CA LEU B 112 10.60 -8.59 9.77
C LEU B 112 10.22 -7.95 11.10
N PHE B 113 11.21 -7.38 11.78
CA PHE B 113 10.97 -6.73 13.06
C PHE B 113 9.94 -5.62 12.87
N LEU B 114 10.13 -4.84 11.81
CA LEU B 114 9.24 -3.72 11.49
C LEU B 114 7.81 -4.12 11.11
N VAL B 115 7.67 -5.08 10.21
CA VAL B 115 6.34 -5.52 9.81
C VAL B 115 5.60 -6.09 11.03
N ALA B 116 6.30 -6.92 11.80
CA ALA B 116 5.72 -7.53 13.00
C ALA B 116 5.25 -6.48 14.02
N ALA B 117 6.08 -5.46 14.22
CA ALA B 117 5.73 -4.40 15.17
C ALA B 117 4.42 -3.76 14.70
N HIS B 118 4.32 -3.50 13.39
CA HIS B 118 3.11 -2.90 12.82
C HIS B 118 1.89 -3.81 13.01
N GLU B 119 2.05 -5.08 12.66
CA GLU B 119 0.95 -6.03 12.80
C GLU B 119 0.48 -6.21 14.25
N PHE B 120 1.42 -6.25 15.18
CA PHE B 120 1.03 -6.43 16.59
C PHE B 120 0.18 -5.25 17.06
N GLY B 121 0.37 -4.09 16.43
CA GLY B 121 -0.42 -2.93 16.77
C GLY B 121 -1.88 -3.25 16.50
N HIS B 122 -2.12 -3.94 15.39
CA HIS B 122 -3.47 -4.36 15.02
C HIS B 122 -3.95 -5.45 15.98
N SER B 123 -3.03 -6.34 16.36
CA SER B 123 -3.35 -7.44 17.26
C SER B 123 -3.75 -6.89 18.63
N LEU B 124 -3.24 -5.70 18.95
CA LEU B 124 -3.51 -5.06 20.23
C LEU B 124 -4.72 -4.14 20.20
N GLY B 125 -5.25 -3.88 19.02
CA GLY B 125 -6.43 -3.04 18.93
C GLY B 125 -6.28 -1.66 18.30
N LEU B 126 -5.15 -1.38 17.67
CA LEU B 126 -4.97 -0.09 17.02
C LEU B 126 -5.35 -0.10 15.53
N ALA B 127 -5.86 1.03 15.06
CA ALA B 127 -6.24 1.19 13.66
C ALA B 127 -5.06 1.88 12.98
N HIS B 128 -5.23 2.22 11.71
CA HIS B 128 -4.18 2.92 10.98
C HIS B 128 -4.22 4.38 11.35
N SER B 129 -3.06 5.02 11.26
CA SER B 129 -2.90 6.43 11.58
C SER B 129 -2.56 7.18 10.30
N SER B 130 -2.99 8.43 10.21
CA SER B 130 -2.70 9.23 9.04
C SER B 130 -1.39 10.00 9.19
N ASP B 131 -0.71 9.80 10.34
CA ASP B 131 0.57 10.43 10.63
C ASP B 131 1.67 9.68 9.88
N PRO B 132 2.22 10.28 8.81
CA PRO B 132 3.29 9.67 8.00
C PRO B 132 4.50 9.12 8.76
N GLY B 133 4.73 9.60 9.98
CA GLY B 133 5.87 9.13 10.74
C GLY B 133 5.52 8.07 11.77
N ALA B 134 4.26 7.66 11.81
CA ALA B 134 3.81 6.67 12.76
C ALA B 134 4.05 5.23 12.30
N LEU B 135 4.24 4.33 13.26
CA LEU B 135 4.45 2.92 12.96
C LEU B 135 3.19 2.36 12.31
N MET B 136 2.03 2.89 12.73
CA MET B 136 0.75 2.42 12.22
C MET B 136 0.28 3.15 10.93
N TYR B 137 1.20 3.78 10.23
CA TYR B 137 0.88 4.43 8.96
C TYR B 137 0.68 3.24 8.03
N PRO B 138 -0.26 3.34 7.08
CA PRO B 138 -0.57 2.25 6.14
C PRO B 138 0.55 1.69 5.26
N ASN B 139 1.44 2.54 4.78
CA ASN B 139 2.50 2.08 3.89
C ASN B 139 3.89 1.90 4.50
N TYR B 140 4.49 0.73 4.23
CA TYR B 140 5.81 0.39 4.72
C TYR B 140 6.88 1.25 4.06
N ALA B 141 7.82 1.72 4.88
CA ALA B 141 8.94 2.55 4.44
C ALA B 141 10.01 2.58 5.53
N PHE B 142 11.03 1.75 5.40
CA PHE B 142 12.11 1.65 6.38
C PHE B 142 12.84 2.98 6.62
N ARG B 143 12.99 3.33 7.90
CA ARG B 143 13.65 4.57 8.34
C ARG B 143 14.92 4.27 9.14
N GLU B 144 16.08 4.48 8.54
CA GLU B 144 17.36 4.23 9.20
C GLU B 144 17.49 5.11 10.45
N THR B 145 17.82 4.52 11.59
CA THR B 145 17.96 5.27 12.82
C THR B 145 18.66 4.50 13.94
N SER B 146 18.97 5.20 15.03
CA SER B 146 19.63 4.60 16.18
C SER B 146 18.70 4.60 17.39
N ASN B 147 17.61 5.35 17.32
CA ASN B 147 16.65 5.36 18.43
C ASN B 147 15.54 4.38 18.08
N TYR B 148 15.61 3.19 18.66
CA TYR B 148 14.61 2.17 18.38
C TYR B 148 13.48 2.16 19.40
N SER B 149 12.64 3.19 19.31
CA SER B 149 11.51 3.31 20.19
C SER B 149 10.29 3.74 19.40
N LEU B 150 9.13 3.45 19.96
CA LEU B 150 7.84 3.75 19.35
C LEU B 150 7.64 5.25 19.12
N PRO B 151 7.15 5.64 17.94
CA PRO B 151 6.93 7.08 17.69
C PRO B 151 5.84 7.56 18.65
N GLN B 152 5.88 8.83 19.02
CA GLN B 152 4.91 9.37 19.97
C GLN B 152 3.43 9.18 19.59
N ASP B 153 3.12 9.18 18.29
CA ASP B 153 1.73 8.98 17.87
C ASP B 153 1.23 7.57 18.23
N ASP B 154 2.13 6.59 18.15
CA ASP B 154 1.77 5.21 18.48
C ASP B 154 1.65 5.03 19.98
N ILE B 155 2.42 5.82 20.73
CA ILE B 155 2.38 5.80 22.18
C ILE B 155 1.00 6.31 22.62
N ASP B 156 0.57 7.40 21.99
CA ASP B 156 -0.73 7.99 22.29
C ASP B 156 -1.85 7.00 22.01
N GLY B 157 -1.71 6.24 20.92
CA GLY B 157 -2.71 5.24 20.55
C GLY B 157 -2.86 4.10 21.53
N ILE B 158 -1.73 3.48 21.90
CA ILE B 158 -1.79 2.36 22.83
C ILE B 158 -2.20 2.82 24.24
N GLN B 159 -1.74 4.01 24.64
CA GLN B 159 -2.11 4.55 25.96
C GLN B 159 -3.62 4.84 26.01
N ALA B 160 -4.19 5.25 24.88
CA ALA B 160 -5.62 5.57 24.84
C ALA B 160 -6.49 4.34 25.08
N ILE B 161 -5.93 3.15 24.88
CA ILE B 161 -6.65 1.90 25.07
C ILE B 161 -6.36 1.20 26.40
N TYR B 162 -5.08 1.00 26.70
CA TYR B 162 -4.67 0.31 27.92
C TYR B 162 -4.09 1.22 28.99
N GLY B 163 -3.95 2.50 28.68
CA GLY B 163 -3.40 3.43 29.66
C GLY B 163 -1.96 3.07 29.93
#